data_3UVO
#
_entry.id   3UVO
#
_cell.length_a   49.270
_cell.length_b   69.920
_cell.length_c   88.180
_cell.angle_alpha   90.00
_cell.angle_beta   90.00
_cell.angle_gamma   90.00
#
_symmetry.space_group_name_H-M   'P 21 21 21'
#
loop_
_entity.id
_entity.type
_entity.pdbx_description
1 polymer 'WD repeat-containing protein 5'
2 polymer 'Histone-lysine N-methyltransferase SETD1B'
3 water water
#
loop_
_entity_poly.entity_id
_entity_poly.type
_entity_poly.pdbx_seq_one_letter_code
_entity_poly.pdbx_strand_id
1 'polypeptide(L)'
;GAMGSSATQSKPTPVKPNYALKFTLAGHTKAVSSVKFSPNGEWLASSSADKLIKIWGAYDGKFEKTISGHKLGISDVAWS
SDSNLLVSASDDKTLKIWDVSSGKCLKTLKGHSNYVFCCNFNPQSNLIVSGSFDESVRIWDVKTGKCLKTLPAHSDPVSA
VHFNRDGSLIVSSSYDGLCRIWDTASGQCLKTLIDDDNPPVSFVKFSPNGKYILAATLDNTLKLWDYSKGKCLKTYTGHK
NEKYCIFANFSVTGGKWIVSGSEDNLVYIWNLQTKEIVQKLQGHTDVVISTACHPTENIIASAALENDKTIKLWKSDC
;
A
2 'polypeptide(L)' GCARSEGFYTI B
#
# COMPACT_ATOMS: atom_id res chain seq x y z
N VAL A 15 8.17 24.98 -9.66
CA VAL A 15 8.58 23.62 -10.00
C VAL A 15 7.41 22.63 -9.97
N LYS A 16 7.21 21.95 -11.11
CA LYS A 16 6.17 20.97 -11.32
C LYS A 16 6.81 19.69 -11.92
N PRO A 17 6.39 18.46 -11.53
CA PRO A 17 6.96 17.27 -12.17
C PRO A 17 6.53 17.17 -13.65
N ASN A 18 7.12 16.23 -14.38
CA ASN A 18 6.79 16.05 -15.79
C ASN A 18 6.73 14.58 -16.11
N TYR A 19 5.98 13.83 -15.27
CA TYR A 19 5.79 12.40 -15.44
C TYR A 19 5.14 12.11 -16.79
N ALA A 20 5.83 11.29 -17.61
CA ALA A 20 5.35 10.88 -18.94
C ALA A 20 5.18 9.36 -18.95
N LEU A 21 4.10 8.88 -19.57
CA LEU A 21 3.86 7.44 -19.66
C LEU A 21 5.00 6.74 -20.43
N LYS A 22 5.57 5.66 -19.86
CA LYS A 22 6.66 4.94 -20.54
C LYS A 22 6.25 3.53 -20.92
N PHE A 23 5.57 2.80 -20.02
CA PHE A 23 5.20 1.41 -20.28
C PHE A 23 3.86 1.07 -19.68
N THR A 24 3.16 0.11 -20.32
CA THR A 24 1.90 -0.46 -19.82
C THR A 24 2.19 -1.94 -19.61
N LEU A 25 1.94 -2.43 -18.39
CA LEU A 25 2.22 -3.80 -17.98
C LEU A 25 0.90 -4.54 -17.90
N ALA A 26 0.64 -5.36 -18.92
CA ALA A 26 -0.58 -6.12 -19.07
C ALA A 26 -0.23 -7.56 -18.81
N GLY A 27 -1.19 -8.30 -18.29
CA GLY A 27 -1.03 -9.71 -17.94
C GLY A 27 -2.07 -10.21 -16.97
N HIS A 28 -2.41 -9.40 -15.96
CA HIS A 28 -3.44 -9.76 -14.97
C HIS A 28 -4.81 -9.88 -15.67
N THR A 29 -5.59 -10.87 -15.25
CA THR A 29 -6.90 -11.16 -15.87
C THR A 29 -8.07 -10.57 -15.09
N LYS A 30 -7.78 -9.95 -13.95
CA LYS A 30 -8.74 -9.29 -13.10
C LYS A 30 -8.08 -8.07 -12.54
N ALA A 31 -8.82 -7.25 -11.80
CA ALA A 31 -8.35 -6.00 -11.18
C ALA A 31 -6.99 -6.12 -10.50
N VAL A 32 -6.10 -5.15 -10.74
CA VAL A 32 -4.83 -5.11 -10.03
C VAL A 32 -5.19 -4.41 -8.66
N SER A 33 -4.66 -4.88 -7.53
CA SER A 33 -5.03 -4.26 -6.24
C SER A 33 -3.90 -3.46 -5.55
N SER A 34 -2.64 -3.83 -5.84
CA SER A 34 -1.47 -3.23 -5.22
C SER A 34 -0.24 -3.39 -6.11
N VAL A 35 0.65 -2.37 -6.10
CA VAL A 35 1.96 -2.35 -6.82
C VAL A 35 2.97 -1.80 -5.86
N LYS A 36 4.13 -2.45 -5.79
CA LYS A 36 5.23 -2.06 -4.92
C LYS A 36 6.58 -2.24 -5.62
N PHE A 37 7.45 -1.25 -5.50
CA PHE A 37 8.80 -1.41 -6.02
C PHE A 37 9.61 -2.09 -4.94
N SER A 38 10.59 -2.92 -5.33
CA SER A 38 11.49 -3.59 -4.39
C SER A 38 12.43 -2.55 -3.79
N PRO A 39 12.84 -2.67 -2.51
CA PRO A 39 13.77 -1.68 -1.95
C PRO A 39 15.07 -1.47 -2.76
N ASN A 40 15.56 -2.52 -3.46
CA ASN A 40 16.78 -2.41 -4.29
C ASN A 40 16.53 -1.68 -5.66
N GLY A 41 15.28 -1.31 -5.95
CA GLY A 41 14.86 -0.58 -7.14
C GLY A 41 14.84 -1.35 -8.45
N GLU A 42 15.04 -2.68 -8.38
CA GLU A 42 15.12 -3.56 -9.55
C GLU A 42 13.78 -4.04 -10.03
N TRP A 43 12.84 -4.28 -9.08
CA TRP A 43 11.59 -4.91 -9.47
C TRP A 43 10.34 -4.17 -9.05
N LEU A 44 9.22 -4.63 -9.60
CA LEU A 44 7.90 -4.20 -9.21
C LEU A 44 7.08 -5.49 -8.99
N ALA A 45 6.33 -5.55 -7.89
CA ALA A 45 5.44 -6.67 -7.60
C ALA A 45 4.03 -6.13 -7.72
N SER A 46 3.14 -6.93 -8.29
CA SER A 46 1.74 -6.59 -8.37
C SER A 46 0.90 -7.75 -7.84
N SER A 47 -0.17 -7.42 -7.15
CA SER A 47 -1.12 -8.39 -6.61
C SER A 47 -2.44 -8.13 -7.33
N SER A 48 -3.27 -9.15 -7.47
CA SER A 48 -4.51 -8.96 -8.18
C SER A 48 -5.67 -9.81 -7.67
N ALA A 49 -6.88 -9.42 -8.06
CA ALA A 49 -8.15 -10.11 -7.85
C ALA A 49 -8.16 -11.47 -8.58
N ASP A 50 -7.21 -11.69 -9.51
CA ASP A 50 -7.06 -12.94 -10.24
C ASP A 50 -6.26 -13.97 -9.42
N LYS A 51 -6.05 -13.70 -8.11
CA LYS A 51 -5.34 -14.58 -7.16
C LYS A 51 -3.83 -14.77 -7.48
N LEU A 52 -3.25 -13.85 -8.28
CA LEU A 52 -1.86 -13.92 -8.74
C LEU A 52 -1.00 -12.74 -8.32
N ILE A 53 0.33 -13.01 -8.28
CA ILE A 53 1.37 -12.03 -8.05
C ILE A 53 2.29 -12.05 -9.28
N LYS A 54 2.53 -10.88 -9.84
CA LYS A 54 3.43 -10.73 -10.97
C LYS A 54 4.57 -9.83 -10.58
N ILE A 55 5.77 -10.20 -11.04
CA ILE A 55 7.03 -9.49 -10.87
C ILE A 55 7.36 -8.93 -12.24
N TRP A 56 7.81 -7.68 -12.25
CA TRP A 56 8.14 -6.98 -13.49
C TRP A 56 9.41 -6.18 -13.28
N GLY A 57 10.12 -5.87 -14.37
CA GLY A 57 11.28 -4.98 -14.35
C GLY A 57 10.84 -3.55 -14.02
N ALA A 58 11.44 -2.94 -13.01
CA ALA A 58 11.08 -1.57 -12.54
C ALA A 58 11.44 -0.44 -13.51
N TYR A 59 12.44 -0.65 -14.38
CA TYR A 59 12.92 0.34 -15.33
C TYR A 59 12.38 0.11 -16.74
N ASP A 60 12.12 -1.14 -17.11
CA ASP A 60 11.63 -1.46 -18.47
C ASP A 60 10.19 -2.01 -18.53
N GLY A 61 9.63 -2.37 -17.38
CA GLY A 61 8.30 -2.97 -17.37
C GLY A 61 8.28 -4.40 -17.88
N LYS A 62 9.45 -5.00 -18.09
CA LYS A 62 9.55 -6.37 -18.59
C LYS A 62 8.99 -7.37 -17.60
N PHE A 63 8.00 -8.17 -18.03
CA PHE A 63 7.42 -9.22 -17.22
C PHE A 63 8.54 -10.22 -16.84
N GLU A 64 8.53 -10.69 -15.58
CA GLU A 64 9.53 -11.60 -15.04
C GLU A 64 8.94 -12.93 -14.55
N LYS A 65 7.89 -12.88 -13.70
CA LYS A 65 7.28 -14.09 -13.15
C LYS A 65 5.85 -13.90 -12.64
N THR A 66 5.13 -15.03 -12.60
CA THR A 66 3.78 -15.20 -12.04
C THR A 66 4.00 -16.11 -10.82
N ILE A 67 3.43 -15.71 -9.68
CA ILE A 67 3.51 -16.41 -8.41
C ILE A 67 2.06 -16.70 -8.01
N SER A 68 1.72 -17.99 -7.87
CA SER A 68 0.39 -18.51 -7.55
C SER A 68 0.42 -19.36 -6.28
N GLY A 69 -0.73 -19.47 -5.62
CA GLY A 69 -0.90 -20.21 -4.37
C GLY A 69 -2.17 -19.84 -3.61
N HIS A 70 -2.52 -18.54 -3.60
CA HIS A 70 -3.72 -18.05 -2.92
C HIS A 70 -5.02 -18.61 -3.49
N LYS A 71 -5.96 -18.92 -2.59
CA LYS A 71 -7.26 -19.53 -2.91
C LYS A 71 -8.29 -18.52 -3.41
N LEU A 72 -8.12 -17.24 -3.02
CA LEU A 72 -8.99 -16.13 -3.39
C LEU A 72 -8.12 -14.90 -3.72
N GLY A 73 -8.76 -13.83 -4.19
CA GLY A 73 -8.09 -12.59 -4.60
C GLY A 73 -7.14 -12.02 -3.57
N ILE A 74 -6.05 -11.37 -4.04
CA ILE A 74 -5.01 -10.78 -3.18
C ILE A 74 -5.22 -9.25 -3.13
N SER A 75 -5.31 -8.67 -1.93
CA SER A 75 -5.56 -7.23 -1.72
C SER A 75 -4.32 -6.34 -1.60
N ASP A 76 -3.22 -6.95 -1.16
CA ASP A 76 -1.95 -6.29 -0.95
C ASP A 76 -0.82 -7.27 -1.11
N VAL A 77 0.36 -6.71 -1.40
CA VAL A 77 1.65 -7.36 -1.50
C VAL A 77 2.70 -6.37 -0.96
N ALA A 78 3.78 -6.86 -0.33
CA ALA A 78 4.85 -6.04 0.23
C ALA A 78 6.19 -6.79 0.13
N TRP A 79 7.32 -6.04 0.06
CA TRP A 79 8.67 -6.60 -0.04
C TRP A 79 9.43 -6.59 1.27
N SER A 80 10.34 -7.57 1.42
CA SER A 80 11.28 -7.55 2.55
C SER A 80 12.40 -6.58 2.15
N SER A 81 13.08 -6.02 3.15
CA SER A 81 14.16 -5.04 3.03
C SER A 81 15.30 -5.42 2.12
N ASP A 82 15.57 -6.73 1.98
CA ASP A 82 16.63 -7.29 1.14
C ASP A 82 16.11 -7.66 -0.27
N SER A 83 14.82 -7.37 -0.57
CA SER A 83 14.15 -7.64 -1.86
C SER A 83 14.07 -9.13 -2.23
N ASN A 84 14.33 -10.02 -1.27
CA ASN A 84 14.31 -11.47 -1.51
C ASN A 84 12.97 -12.12 -1.17
N LEU A 85 12.13 -11.43 -0.38
CA LEU A 85 10.82 -11.98 0.01
C LEU A 85 9.69 -11.04 -0.29
N LEU A 86 8.49 -11.62 -0.40
CA LEU A 86 7.23 -10.92 -0.52
C LEU A 86 6.25 -11.52 0.44
N VAL A 87 5.30 -10.70 0.90
CA VAL A 87 4.19 -11.15 1.71
C VAL A 87 2.88 -10.70 1.00
N SER A 88 1.86 -11.55 0.98
CA SER A 88 0.58 -11.20 0.36
C SER A 88 -0.57 -11.35 1.35
N ALA A 89 -1.60 -10.50 1.23
CA ALA A 89 -2.81 -10.51 2.07
C ALA A 89 -3.94 -10.89 1.13
N SER A 90 -4.63 -12.01 1.44
CA SER A 90 -5.67 -12.56 0.58
C SER A 90 -7.03 -12.66 1.24
N ASP A 91 -8.09 -12.75 0.40
CA ASP A 91 -9.47 -12.96 0.82
C ASP A 91 -9.65 -14.37 1.40
N ASP A 92 -8.70 -15.31 1.14
CA ASP A 92 -8.76 -16.67 1.69
C ASP A 92 -8.47 -16.70 3.20
N LYS A 93 -8.34 -15.50 3.84
CA LYS A 93 -8.06 -15.31 5.26
C LYS A 93 -6.59 -15.58 5.65
N THR A 94 -5.70 -15.76 4.62
CA THR A 94 -4.28 -16.03 4.89
C THR A 94 -3.30 -14.97 4.33
N LEU A 95 -2.03 -15.10 4.75
CA LEU A 95 -0.91 -14.33 4.26
C LEU A 95 0.08 -15.36 3.80
N LYS A 96 0.83 -15.06 2.75
CA LYS A 96 1.81 -16.01 2.26
C LYS A 96 3.16 -15.34 2.08
N ILE A 97 4.23 -15.94 2.62
CA ILE A 97 5.59 -15.46 2.44
C ILE A 97 6.09 -16.24 1.23
N TRP A 98 6.66 -15.55 0.26
CA TRP A 98 7.15 -16.15 -0.96
C TRP A 98 8.62 -15.88 -1.14
N ASP A 99 9.33 -16.77 -1.84
CA ASP A 99 10.71 -16.50 -2.18
C ASP A 99 10.64 -15.95 -3.60
N VAL A 100 11.10 -14.71 -3.80
CA VAL A 100 11.02 -14.04 -5.12
C VAL A 100 11.81 -14.76 -6.22
N SER A 101 12.93 -15.41 -5.87
CA SER A 101 13.78 -16.17 -6.80
C SER A 101 13.06 -17.39 -7.37
N SER A 102 12.58 -18.28 -6.48
CA SER A 102 11.90 -19.51 -6.90
C SER A 102 10.42 -19.35 -7.26
N GLY A 103 9.78 -18.35 -6.65
CA GLY A 103 8.36 -18.07 -6.81
C GLY A 103 7.52 -19.00 -5.96
N LYS A 104 8.16 -19.68 -4.98
CA LYS A 104 7.54 -20.66 -4.11
C LYS A 104 7.12 -20.10 -2.76
N CYS A 105 6.01 -20.61 -2.24
CA CYS A 105 5.44 -20.24 -0.95
C CYS A 105 6.29 -20.95 0.12
N LEU A 106 6.93 -20.15 1.00
CA LEU A 106 7.77 -20.70 2.08
C LEU A 106 6.94 -21.02 3.31
N LYS A 107 6.07 -20.09 3.69
CA LYS A 107 5.17 -20.17 4.84
C LYS A 107 3.79 -19.60 4.47
N THR A 108 2.74 -20.07 5.16
CA THR A 108 1.36 -19.60 5.04
C THR A 108 0.94 -19.18 6.46
N LEU A 109 0.67 -17.87 6.62
CA LEU A 109 0.32 -17.26 7.91
C LEU A 109 -1.18 -17.37 8.13
N LYS A 110 -1.58 -18.25 9.07
CA LYS A 110 -2.96 -18.55 9.45
C LYS A 110 -3.27 -18.01 10.85
N GLY A 111 -4.43 -17.35 10.98
CA GLY A 111 -4.87 -16.76 12.25
C GLY A 111 -6.05 -15.83 12.11
N HIS A 112 -6.10 -15.06 11.01
CA HIS A 112 -7.18 -14.11 10.73
C HIS A 112 -8.48 -14.84 10.42
N SER A 113 -9.61 -14.35 10.99
CA SER A 113 -10.95 -14.93 10.81
C SER A 113 -11.74 -14.35 9.62
N ASN A 114 -11.17 -13.33 8.91
CA ASN A 114 -11.80 -12.71 7.75
C ASN A 114 -10.74 -12.33 6.68
N TYR A 115 -11.13 -11.58 5.62
CA TYR A 115 -10.17 -11.23 4.56
C TYR A 115 -9.00 -10.43 5.09
N VAL A 116 -7.76 -10.84 4.74
CA VAL A 116 -6.56 -10.08 5.12
C VAL A 116 -6.47 -8.99 4.05
N PHE A 117 -6.57 -7.71 4.49
CA PHE A 117 -6.60 -6.57 3.60
C PHE A 117 -5.24 -5.94 3.29
N CYS A 118 -4.37 -5.85 4.29
CA CYS A 118 -3.09 -5.17 4.15
C CYS A 118 -1.96 -5.91 4.85
N CYS A 119 -0.71 -5.67 4.37
CA CYS A 119 0.46 -6.31 4.95
C CYS A 119 1.71 -5.48 4.77
N ASN A 120 2.73 -5.70 5.64
CA ASN A 120 4.04 -5.04 5.61
C ASN A 120 5.06 -5.74 6.45
N PHE A 121 6.31 -5.73 6.00
CA PHE A 121 7.45 -6.24 6.76
C PHE A 121 7.94 -5.04 7.52
N ASN A 122 8.72 -5.25 8.59
CA ASN A 122 9.35 -4.17 9.33
C ASN A 122 10.69 -3.89 8.62
N PRO A 123 11.35 -2.74 8.89
CA PRO A 123 12.69 -2.49 8.27
C PRO A 123 13.68 -3.67 8.43
N GLN A 124 13.72 -4.36 9.60
CA GLN A 124 14.62 -5.52 9.81
C GLN A 124 14.23 -6.73 8.97
N SER A 125 12.94 -6.82 8.60
CA SER A 125 12.29 -7.91 7.84
C SER A 125 12.22 -9.25 8.58
N ASN A 126 12.25 -9.18 9.94
CA ASN A 126 12.06 -10.30 10.84
C ASN A 126 10.59 -10.39 11.28
N LEU A 127 9.82 -9.31 11.07
CA LEU A 127 8.38 -9.26 11.40
C LEU A 127 7.54 -8.88 10.19
N ILE A 128 6.25 -9.26 10.25
CA ILE A 128 5.21 -8.93 9.28
C ILE A 128 4.00 -8.41 10.06
N VAL A 129 3.49 -7.25 9.67
CA VAL A 129 2.29 -6.67 10.24
C VAL A 129 1.16 -6.90 9.22
N SER A 130 -0.02 -7.29 9.71
CA SER A 130 -1.17 -7.56 8.85
C SER A 130 -2.43 -6.97 9.46
N GLY A 131 -3.29 -6.48 8.60
CA GLY A 131 -4.60 -5.92 8.94
C GLY A 131 -5.68 -6.68 8.18
N SER A 132 -6.84 -6.89 8.82
CA SER A 132 -7.94 -7.66 8.23
C SER A 132 -9.35 -7.08 8.49
N PHE A 133 -10.35 -7.64 7.80
CA PHE A 133 -11.77 -7.33 7.97
C PHE A 133 -12.29 -7.87 9.31
N ASP A 134 -11.49 -8.73 9.99
CA ASP A 134 -11.86 -9.26 11.31
C ASP A 134 -11.68 -8.20 12.41
N GLU A 135 -11.30 -6.95 12.00
CA GLU A 135 -11.11 -5.75 12.82
C GLU A 135 -9.81 -5.72 13.66
N SER A 136 -8.89 -6.68 13.41
CA SER A 136 -7.62 -6.80 14.14
C SER A 136 -6.35 -6.51 13.33
N VAL A 137 -5.23 -6.31 14.07
CA VAL A 137 -3.89 -6.11 13.53
C VAL A 137 -3.02 -7.22 14.14
N ARG A 138 -2.40 -8.06 13.29
CA ARG A 138 -1.54 -9.14 13.78
C ARG A 138 -0.07 -8.91 13.46
N ILE A 139 0.82 -9.39 14.34
CA ILE A 139 2.27 -9.30 14.17
C ILE A 139 2.78 -10.74 14.07
N TRP A 140 3.57 -11.02 13.03
CA TRP A 140 4.05 -12.37 12.76
C TRP A 140 5.56 -12.41 12.69
N ASP A 141 6.15 -13.58 12.97
CA ASP A 141 7.58 -13.81 12.85
C ASP A 141 7.83 -14.43 11.48
N VAL A 142 8.65 -13.78 10.66
CA VAL A 142 8.99 -14.17 9.28
C VAL A 142 9.62 -15.57 9.18
N LYS A 143 10.62 -15.83 10.04
CA LYS A 143 11.40 -17.07 10.09
C LYS A 143 10.58 -18.32 10.48
N THR A 144 9.51 -18.15 11.30
CA THR A 144 8.71 -19.27 11.80
C THR A 144 7.27 -19.33 11.29
N GLY A 145 6.76 -18.20 10.77
CA GLY A 145 5.40 -18.09 10.28
C GLY A 145 4.35 -18.12 11.38
N LYS A 146 4.79 -17.82 12.62
CA LYS A 146 3.99 -17.81 13.84
C LYS A 146 3.47 -16.41 14.14
N CYS A 147 2.25 -16.33 14.71
CA CYS A 147 1.63 -15.08 15.13
C CYS A 147 2.19 -14.76 16.51
N LEU A 148 2.71 -13.55 16.69
CA LEU A 148 3.31 -13.12 17.95
C LEU A 148 2.36 -12.27 18.77
N LYS A 149 1.67 -11.31 18.13
CA LYS A 149 0.73 -10.41 18.82
C LYS A 149 -0.54 -10.22 17.99
N THR A 150 -1.71 -10.24 18.63
CA THR A 150 -3.01 -10.00 17.99
C THR A 150 -3.65 -8.79 18.68
N LEU A 151 -3.58 -7.62 18.03
CA LEU A 151 -4.13 -6.40 18.61
C LEU A 151 -5.62 -6.25 18.31
N PRO A 152 -6.47 -5.95 19.33
CA PRO A 152 -7.90 -5.69 19.02
C PRO A 152 -7.97 -4.22 18.60
N ALA A 153 -7.27 -3.93 17.52
CA ALA A 153 -7.03 -2.59 17.00
C ALA A 153 -8.21 -1.71 16.66
N HIS A 154 -9.27 -2.24 16.04
CA HIS A 154 -10.36 -1.41 15.54
C HIS A 154 -11.73 -2.04 15.64
N SER A 155 -12.79 -1.27 15.30
CA SER A 155 -14.20 -1.69 15.36
C SER A 155 -14.85 -1.77 13.97
N ASP A 156 -14.01 -1.78 12.92
CA ASP A 156 -14.38 -1.92 11.51
C ASP A 156 -13.17 -2.46 10.74
N PRO A 157 -13.29 -2.95 9.47
CA PRO A 157 -12.10 -3.47 8.76
C PRO A 157 -10.87 -2.57 8.79
N VAL A 158 -9.70 -3.19 9.00
CA VAL A 158 -8.40 -2.52 9.02
C VAL A 158 -7.97 -2.27 7.57
N SER A 159 -7.91 -0.99 7.15
CA SER A 159 -7.55 -0.60 5.78
C SER A 159 -6.07 -0.55 5.45
N ALA A 160 -5.20 -0.24 6.44
CA ALA A 160 -3.75 -0.11 6.21
C ALA A 160 -2.96 -0.33 7.51
N VAL A 161 -1.73 -0.85 7.35
CA VAL A 161 -0.77 -1.13 8.43
C VAL A 161 0.62 -0.78 7.90
N HIS A 162 1.42 -0.07 8.71
CA HIS A 162 2.74 0.32 8.29
C HIS A 162 3.67 0.48 9.48
N PHE A 163 4.92 -0.01 9.33
CA PHE A 163 5.98 0.14 10.33
C PHE A 163 6.70 1.48 10.08
N ASN A 164 7.23 2.12 11.13
CA ASN A 164 7.98 3.38 10.94
C ASN A 164 9.45 3.05 10.60
N ARG A 165 10.26 4.10 10.38
CA ARG A 165 11.68 4.08 9.99
C ARG A 165 12.52 3.00 10.71
N ASP A 166 12.37 2.88 12.03
CA ASP A 166 13.12 1.89 12.82
C ASP A 166 12.31 0.64 13.24
N GLY A 167 11.06 0.51 12.77
CA GLY A 167 10.19 -0.61 13.11
C GLY A 167 9.69 -0.64 14.55
N SER A 168 9.85 0.48 15.29
CA SER A 168 9.45 0.61 16.71
C SER A 168 7.98 0.96 16.84
N LEU A 169 7.41 1.60 15.80
CA LEU A 169 5.99 1.96 15.76
C LEU A 169 5.27 1.30 14.61
N ILE A 170 3.98 1.00 14.81
CA ILE A 170 3.04 0.53 13.78
C ILE A 170 1.90 1.56 13.76
N VAL A 171 1.56 2.07 12.56
CA VAL A 171 0.40 2.93 12.35
C VAL A 171 -0.64 2.05 11.67
N SER A 172 -1.87 2.08 12.18
CA SER A 172 -2.96 1.33 11.55
C SER A 172 -4.08 2.31 11.26
N SER A 173 -4.91 1.95 10.28
CA SER A 173 -6.10 2.73 9.95
C SER A 173 -7.28 1.78 9.75
N SER A 174 -8.49 2.33 9.82
CA SER A 174 -9.70 1.54 9.62
C SER A 174 -10.93 2.37 9.21
N TYR A 175 -11.98 1.68 8.70
CA TYR A 175 -13.29 2.24 8.32
C TYR A 175 -14.01 2.86 9.53
N ASP A 176 -13.54 2.59 10.77
CA ASP A 176 -14.14 3.12 12.02
C ASP A 176 -13.90 4.64 12.14
N GLY A 177 -12.98 5.15 11.31
CA GLY A 177 -12.61 6.55 11.22
C GLY A 177 -11.38 6.94 12.01
N LEU A 178 -10.70 5.95 12.63
CA LEU A 178 -9.49 6.17 13.46
C LEU A 178 -8.18 5.71 12.85
N CYS A 179 -7.11 6.37 13.29
CA CYS A 179 -5.72 6.07 12.99
C CYS A 179 -5.09 5.76 14.34
N ARG A 180 -4.51 4.56 14.52
CA ARG A 180 -3.83 4.23 15.77
C ARG A 180 -2.34 3.96 15.62
N ILE A 181 -1.52 4.59 16.50
CA ILE A 181 -0.06 4.39 16.56
C ILE A 181 0.20 3.40 17.71
N TRP A 182 0.87 2.27 17.40
CA TRP A 182 1.17 1.18 18.36
C TRP A 182 2.66 0.98 18.54
N ASP A 183 3.06 0.65 19.77
CA ASP A 183 4.42 0.30 20.15
C ASP A 183 4.58 -1.19 19.79
N THR A 184 5.50 -1.49 18.86
CA THR A 184 5.73 -2.86 18.34
C THR A 184 5.98 -3.94 19.40
N ALA A 185 7.01 -3.77 20.24
CA ALA A 185 7.37 -4.78 21.25
C ALA A 185 6.34 -5.00 22.34
N SER A 186 5.62 -3.95 22.79
CA SER A 186 4.66 -4.08 23.90
C SER A 186 3.21 -4.28 23.44
N GLY A 187 2.93 -3.89 22.18
CA GLY A 187 1.61 -3.97 21.57
C GLY A 187 0.63 -2.91 22.07
N GLN A 188 1.10 -2.01 22.94
CA GLN A 188 0.32 -0.92 23.50
C GLN A 188 -0.01 0.16 22.49
N CYS A 189 -1.21 0.77 22.65
CA CYS A 189 -1.60 1.89 21.81
C CYS A 189 -1.03 3.14 22.42
N LEU A 190 -0.27 3.88 21.62
CA LEU A 190 0.37 5.12 22.07
C LEU A 190 -0.46 6.34 21.70
N LYS A 191 -1.19 6.27 20.57
CA LYS A 191 -1.98 7.38 20.09
C LYS A 191 -3.13 6.95 19.23
N THR A 192 -4.27 7.63 19.40
CA THR A 192 -5.46 7.44 18.58
C THR A 192 -5.79 8.82 18.01
N LEU A 193 -5.69 8.97 16.67
CA LEU A 193 -6.02 10.24 16.00
C LEU A 193 -7.50 10.27 15.62
N ILE A 194 -8.21 11.32 16.11
CA ILE A 194 -9.64 11.55 15.86
C ILE A 194 -9.77 12.74 14.89
N PRO A 199 -15.17 10.23 9.28
CA PRO A 199 -15.05 9.61 7.94
C PRO A 199 -14.11 8.40 7.91
N PRO A 200 -14.50 7.30 7.23
CA PRO A 200 -13.62 6.11 7.16
C PRO A 200 -12.20 6.41 6.72
N VAL A 201 -11.18 5.83 7.39
CA VAL A 201 -9.76 6.01 7.05
C VAL A 201 -9.43 4.85 6.14
N SER A 202 -9.14 5.18 4.88
CA SER A 202 -8.90 4.19 3.83
C SER A 202 -7.43 3.85 3.65
N PHE A 203 -6.54 4.69 4.15
CA PHE A 203 -5.12 4.46 3.99
C PHE A 203 -4.35 5.29 4.97
N VAL A 204 -3.18 4.78 5.36
CA VAL A 204 -2.25 5.42 6.27
C VAL A 204 -0.86 4.83 6.08
N LYS A 205 0.15 5.68 6.28
CA LYS A 205 1.57 5.35 6.25
C LYS A 205 2.41 6.46 6.91
N PHE A 206 3.60 6.08 7.40
CA PHE A 206 4.56 7.01 7.96
C PHE A 206 5.32 7.70 6.83
N SER A 207 5.76 8.96 7.05
CA SER A 207 6.65 9.69 6.11
C SER A 207 8.02 9.00 6.16
N PRO A 208 8.90 9.08 5.11
CA PRO A 208 10.22 8.41 5.21
C PRO A 208 10.99 8.69 6.49
N ASN A 209 10.91 9.93 7.04
CA ASN A 209 11.60 10.29 8.27
C ASN A 209 10.89 9.76 9.55
N GLY A 210 9.65 9.28 9.38
CA GLY A 210 8.82 8.73 10.44
C GLY A 210 8.19 9.77 11.33
N LYS A 211 8.43 11.07 11.07
CA LYS A 211 7.90 12.15 11.92
C LYS A 211 6.45 12.50 11.62
N TYR A 212 5.97 12.10 10.43
CA TYR A 212 4.62 12.40 10.01
C TYR A 212 3.87 11.14 9.56
N ILE A 213 2.55 11.25 9.46
CA ILE A 213 1.72 10.19 8.90
C ILE A 213 0.86 10.81 7.81
N LEU A 214 0.67 10.07 6.75
CA LEU A 214 -0.19 10.51 5.66
C LEU A 214 -1.35 9.56 5.69
N ALA A 215 -2.55 10.12 5.84
CA ALA A 215 -3.80 9.37 5.95
C ALA A 215 -4.83 9.82 4.91
N ALA A 216 -5.48 8.86 4.23
CA ALA A 216 -6.56 9.13 3.28
C ALA A 216 -7.85 8.77 3.96
N THR A 217 -8.88 9.58 3.74
CA THR A 217 -10.22 9.39 4.25
C THR A 217 -11.18 9.33 3.04
N LEU A 218 -12.35 8.70 3.22
CA LEU A 218 -13.31 8.54 2.15
C LEU A 218 -14.24 9.74 1.93
N ASP A 219 -13.70 10.94 2.14
CA ASP A 219 -14.35 12.21 1.92
C ASP A 219 -13.46 12.99 0.93
N ASN A 220 -12.75 12.24 0.03
CA ASN A 220 -11.88 12.78 -1.04
C ASN A 220 -10.79 13.64 -0.45
N THR A 221 -10.16 13.16 0.64
CA THR A 221 -9.15 13.94 1.36
C THR A 221 -7.93 13.11 1.77
N LEU A 222 -6.75 13.75 1.69
CA LEU A 222 -5.49 13.22 2.18
C LEU A 222 -5.04 14.21 3.22
N LYS A 223 -4.50 13.69 4.33
CA LYS A 223 -4.06 14.53 5.44
C LYS A 223 -2.68 14.19 5.94
N LEU A 224 -1.84 15.21 6.08
CA LEU A 224 -0.52 15.04 6.65
C LEU A 224 -0.61 15.43 8.13
N TRP A 225 -0.34 14.45 9.01
CA TRP A 225 -0.39 14.61 10.45
C TRP A 225 0.94 14.55 11.15
N ASP A 226 1.10 15.37 12.18
CA ASP A 226 2.19 15.28 13.15
C ASP A 226 1.41 14.52 14.23
N TYR A 227 1.62 13.19 14.28
CA TYR A 227 0.90 12.27 15.14
C TYR A 227 1.05 12.49 16.65
N SER A 228 2.29 12.75 17.14
CA SER A 228 2.57 12.97 18.57
C SER A 228 1.84 14.21 19.10
N LYS A 229 1.85 15.30 18.31
CA LYS A 229 1.21 16.59 18.58
C LYS A 229 -0.29 16.48 18.30
N GLY A 230 -0.68 15.40 17.62
CA GLY A 230 -2.05 15.12 17.22
C GLY A 230 -2.63 16.21 16.34
N LYS A 231 -1.80 16.75 15.42
CA LYS A 231 -2.23 17.85 14.57
C LYS A 231 -2.07 17.60 13.08
N CYS A 232 -3.13 17.93 12.33
CA CYS A 232 -3.11 17.87 10.88
C CYS A 232 -2.41 19.12 10.40
N LEU A 233 -1.35 18.94 9.60
CA LEU A 233 -0.55 20.06 9.09
C LEU A 233 -0.89 20.45 7.66
N LYS A 234 -1.29 19.49 6.84
CA LYS A 234 -1.58 19.72 5.44
C LYS A 234 -2.79 18.93 5.03
N THR A 235 -3.62 19.50 4.14
CA THR A 235 -4.80 18.87 3.56
C THR A 235 -4.62 18.85 2.03
N TYR A 236 -4.77 17.68 1.40
CA TYR A 236 -4.63 17.51 -0.04
C TYR A 236 -5.96 16.98 -0.60
N THR A 237 -6.52 17.70 -1.58
CA THR A 237 -7.81 17.40 -2.18
C THR A 237 -7.83 17.70 -3.69
N GLY A 238 -8.96 17.39 -4.35
CA GLY A 238 -9.16 17.62 -5.78
C GLY A 238 -9.40 16.34 -6.55
N HIS A 239 -9.05 15.21 -5.92
CA HIS A 239 -9.18 13.85 -6.43
C HIS A 239 -10.50 13.24 -5.91
N LYS A 240 -10.86 12.07 -6.44
CA LYS A 240 -12.08 11.38 -6.05
C LYS A 240 -11.71 10.17 -5.24
N ASN A 241 -12.25 10.10 -4.01
CA ASN A 241 -12.02 8.99 -3.11
C ASN A 241 -13.09 8.89 -2.02
N GLU A 242 -14.15 8.11 -2.30
CA GLU A 242 -15.30 7.94 -1.40
C GLU A 242 -15.64 6.45 -1.24
N LYS A 243 -14.91 5.57 -1.94
CA LYS A 243 -15.25 4.14 -1.95
C LYS A 243 -14.09 3.21 -1.69
N TYR A 244 -12.97 3.40 -2.40
CA TYR A 244 -11.81 2.50 -2.38
C TYR A 244 -10.71 2.86 -1.43
N CYS A 245 -9.98 1.84 -0.97
CA CYS A 245 -8.81 2.07 -0.16
C CYS A 245 -7.62 2.20 -1.15
N ILE A 246 -7.38 3.45 -1.55
CA ILE A 246 -6.38 3.83 -2.54
C ILE A 246 -5.07 4.12 -1.81
N PHE A 247 -3.95 3.55 -2.30
CA PHE A 247 -2.62 3.81 -1.71
C PHE A 247 -2.18 5.22 -2.07
N ALA A 248 -1.51 5.91 -1.15
CA ALA A 248 -0.93 7.23 -1.37
C ALA A 248 0.55 7.15 -1.01
N ASN A 249 1.39 8.05 -1.58
CA ASN A 249 2.84 8.01 -1.33
C ASN A 249 3.45 9.36 -1.14
N PHE A 250 4.67 9.37 -0.57
CA PHE A 250 5.61 10.50 -0.54
C PHE A 250 6.61 10.21 -1.67
N SER A 251 6.75 11.15 -2.60
CA SER A 251 7.71 11.10 -3.71
C SER A 251 8.81 12.06 -3.30
N VAL A 252 10.05 11.53 -3.09
CA VAL A 252 11.19 12.29 -2.54
C VAL A 252 12.46 12.34 -3.37
N THR A 253 12.57 11.52 -4.42
CA THR A 253 13.74 11.41 -5.30
C THR A 253 14.12 12.69 -6.10
N GLY A 254 13.14 13.56 -6.33
CA GLY A 254 13.31 14.82 -7.06
C GLY A 254 12.71 15.91 -6.19
N GLY A 255 11.63 16.50 -6.67
CA GLY A 255 10.85 17.44 -5.88
C GLY A 255 10.08 16.68 -4.82
N LYS A 256 9.49 17.39 -3.87
CA LYS A 256 8.73 16.74 -2.80
C LYS A 256 7.23 16.79 -3.08
N TRP A 257 6.70 15.62 -3.40
CA TRP A 257 5.32 15.46 -3.83
C TRP A 257 4.56 14.45 -3.03
N ILE A 258 3.22 14.57 -3.03
CA ILE A 258 2.28 13.58 -2.50
C ILE A 258 1.70 12.92 -3.75
N VAL A 259 1.66 11.59 -3.80
CA VAL A 259 1.14 10.86 -4.97
C VAL A 259 -0.03 9.99 -4.53
N SER A 260 -1.08 9.88 -5.37
CA SER A 260 -2.24 9.04 -5.02
C SER A 260 -3.02 8.72 -6.25
N GLY A 261 -3.69 7.58 -6.23
CA GLY A 261 -4.61 7.20 -7.31
C GLY A 261 -5.93 7.92 -7.05
N SER A 262 -6.89 7.73 -7.91
CA SER A 262 -8.17 8.42 -7.77
C SER A 262 -9.28 7.62 -8.45
N GLU A 263 -10.52 7.82 -7.99
CA GLU A 263 -11.73 7.19 -8.54
C GLU A 263 -12.17 7.79 -9.88
N ASP A 264 -11.44 8.80 -10.35
CA ASP A 264 -11.69 9.41 -11.65
C ASP A 264 -10.62 8.89 -12.66
N ASN A 265 -9.87 7.77 -12.28
CA ASN A 265 -8.89 7.08 -13.15
C ASN A 265 -7.63 7.83 -13.42
N LEU A 266 -7.32 8.82 -12.58
CA LEU A 266 -6.09 9.60 -12.71
C LEU A 266 -5.22 9.33 -11.55
N VAL A 267 -3.92 9.54 -11.74
CA VAL A 267 -2.94 9.61 -10.67
C VAL A 267 -2.82 11.13 -10.39
N TYR A 268 -2.94 11.52 -9.12
CA TYR A 268 -2.76 12.91 -8.71
C TYR A 268 -1.40 13.13 -8.07
N ILE A 269 -0.79 14.27 -8.40
CA ILE A 269 0.48 14.65 -7.80
C ILE A 269 0.32 16.05 -7.24
N TRP A 270 0.58 16.24 -5.93
CA TRP A 270 0.47 17.51 -5.24
C TRP A 270 1.82 17.99 -4.80
N ASN A 271 2.01 19.32 -4.78
CA ASN A 271 3.18 19.94 -4.19
C ASN A 271 2.96 19.75 -2.66
N LEU A 272 3.91 19.09 -1.98
CA LEU A 272 3.84 18.80 -0.55
C LEU A 272 3.64 20.09 0.31
N GLN A 273 4.31 21.19 -0.06
CA GLN A 273 4.28 22.45 0.66
C GLN A 273 3.06 23.32 0.36
N THR A 274 2.72 23.50 -0.94
CA THR A 274 1.60 24.37 -1.31
C THR A 274 0.23 23.68 -1.29
N LYS A 275 0.21 22.31 -1.37
CA LYS A 275 -1.00 21.46 -1.41
C LYS A 275 -1.71 21.58 -2.77
N GLU A 276 -1.08 22.30 -3.71
CA GLU A 276 -1.60 22.48 -5.06
C GLU A 276 -1.36 21.24 -5.88
N ILE A 277 -2.33 20.89 -6.72
CA ILE A 277 -2.19 19.80 -7.70
C ILE A 277 -1.19 20.32 -8.74
N VAL A 278 -0.14 19.52 -9.01
CA VAL A 278 0.92 19.85 -9.97
C VAL A 278 0.86 19.01 -11.25
N GLN A 279 0.23 17.84 -11.17
CA GLN A 279 0.08 16.93 -12.30
C GLN A 279 -1.01 15.91 -12.07
N LYS A 280 -1.74 15.60 -13.13
CA LYS A 280 -2.75 14.54 -13.18
C LYS A 280 -2.30 13.66 -14.34
N LEU A 281 -2.02 12.40 -14.05
CA LEU A 281 -1.56 11.44 -15.06
C LEU A 281 -2.74 10.65 -15.64
N GLN A 282 -2.98 10.85 -16.96
CA GLN A 282 -4.07 10.21 -17.68
C GLN A 282 -3.60 8.98 -18.50
N GLY A 283 -4.25 7.86 -18.29
CA GLY A 283 -3.91 6.64 -19.02
C GLY A 283 -4.77 5.45 -18.68
N HIS A 284 -5.19 5.39 -17.42
CA HIS A 284 -6.03 4.31 -16.89
C HIS A 284 -7.50 4.46 -17.22
N THR A 285 -8.19 3.33 -17.37
CA THR A 285 -9.60 3.22 -17.78
C THR A 285 -10.48 2.72 -16.66
N ASP A 286 -9.91 2.66 -15.48
CA ASP A 286 -10.62 2.33 -14.26
C ASP A 286 -9.88 2.99 -13.12
N VAL A 287 -10.50 2.98 -11.95
CA VAL A 287 -10.00 3.54 -10.69
C VAL A 287 -8.54 3.17 -10.49
N VAL A 288 -7.71 4.17 -10.15
CA VAL A 288 -6.30 3.92 -9.87
C VAL A 288 -6.22 3.56 -8.35
N ILE A 289 -6.18 2.27 -8.08
CA ILE A 289 -6.20 1.78 -6.70
C ILE A 289 -4.86 1.91 -5.97
N SER A 290 -3.76 1.93 -6.72
CA SER A 290 -2.46 1.86 -6.13
C SER A 290 -1.47 2.58 -6.99
N THR A 291 -0.51 3.20 -6.29
CA THR A 291 0.62 3.95 -6.83
C THR A 291 1.79 3.63 -5.99
N ALA A 292 2.95 3.60 -6.59
CA ALA A 292 4.19 3.35 -5.87
C ALA A 292 5.23 4.25 -6.49
N CYS A 293 6.17 4.70 -5.67
CA CYS A 293 7.27 5.56 -6.07
C CYS A 293 8.55 4.77 -5.93
N HIS A 294 9.35 4.81 -6.98
CA HIS A 294 10.62 4.15 -7.05
C HIS A 294 11.52 4.74 -5.95
N PRO A 295 12.31 3.90 -5.27
CA PRO A 295 13.15 4.43 -4.18
C PRO A 295 14.30 5.36 -4.60
N THR A 296 14.83 5.24 -5.84
CA THR A 296 15.97 6.06 -6.29
C THR A 296 15.74 6.98 -7.51
N GLU A 297 14.83 6.61 -8.41
CA GLU A 297 14.51 7.38 -9.61
C GLU A 297 13.11 7.97 -9.58
N ASN A 298 12.88 9.05 -10.36
CA ASN A 298 11.57 9.70 -10.44
C ASN A 298 10.69 8.81 -11.34
N ILE A 299 10.28 7.65 -10.79
CA ILE A 299 9.44 6.64 -11.43
C ILE A 299 8.22 6.36 -10.54
N ILE A 300 7.04 6.42 -11.14
CA ILE A 300 5.77 6.11 -10.52
C ILE A 300 5.20 4.91 -11.25
N ALA A 301 4.68 3.94 -10.46
CA ALA A 301 3.93 2.82 -11.01
C ALA A 301 2.49 3.07 -10.57
N SER A 302 1.55 2.89 -11.48
CA SER A 302 0.16 3.03 -11.12
C SER A 302 -0.59 1.75 -11.55
N ALA A 303 -1.59 1.32 -10.79
CA ALA A 303 -2.39 0.12 -11.13
C ALA A 303 -3.86 0.43 -11.06
N ALA A 304 -4.65 -0.19 -11.94
CA ALA A 304 -6.07 0.06 -11.99
C ALA A 304 -6.92 -1.20 -11.87
N LEU A 305 -8.20 -0.98 -11.58
CA LEU A 305 -9.22 -2.00 -11.38
C LEU A 305 -9.76 -2.70 -12.63
N GLU A 306 -10.79 -3.53 -12.43
CA GLU A 306 -11.47 -4.43 -13.36
C GLU A 306 -11.56 -4.03 -14.82
N ASN A 307 -11.91 -2.77 -15.14
CA ASN A 307 -12.00 -2.36 -16.55
C ASN A 307 -10.67 -2.00 -17.17
N ASP A 308 -9.59 -2.06 -16.41
CA ASP A 308 -8.28 -1.70 -16.92
C ASP A 308 -7.33 -2.91 -16.78
N LYS A 309 -7.07 -3.38 -15.51
CA LYS A 309 -6.23 -4.54 -15.17
C LYS A 309 -4.75 -4.39 -15.55
N THR A 310 -4.28 -3.15 -15.82
CA THR A 310 -2.88 -2.95 -16.20
C THR A 310 -2.20 -2.09 -15.16
N ILE A 311 -0.87 -2.14 -15.21
CA ILE A 311 0.00 -1.33 -14.40
C ILE A 311 0.66 -0.37 -15.37
N LYS A 312 0.85 0.91 -14.98
CA LYS A 312 1.53 1.84 -15.88
C LYS A 312 2.74 2.38 -15.18
N LEU A 313 3.83 2.58 -15.93
CA LEU A 313 5.09 3.15 -15.44
C LEU A 313 5.29 4.51 -16.11
N TRP A 314 5.50 5.52 -15.28
CA TRP A 314 5.65 6.92 -15.66
C TRP A 314 6.98 7.40 -15.13
N LYS A 315 7.72 8.21 -15.89
CA LYS A 315 9.03 8.74 -15.48
C LYS A 315 9.09 10.26 -15.64
N SER A 316 9.86 10.94 -14.76
CA SER A 316 10.00 12.39 -14.73
C SER A 316 11.45 12.90 -14.57
N ASP A 317 11.68 14.22 -14.88
CA ASP A 317 12.93 14.97 -14.68
C ASP A 317 13.15 15.24 -13.17
N CYS A 318 12.04 15.49 -12.44
CA CYS A 318 12.02 15.87 -11.04
C CYS A 318 10.77 15.37 -10.29
N CYS B 2 -11.62 -10.61 -3.87
CA CYS B 2 -10.69 -9.50 -3.55
C CYS B 2 -11.38 -8.31 -2.88
N ALA B 3 -11.10 -8.10 -1.59
CA ALA B 3 -11.71 -7.01 -0.81
C ALA B 3 -11.36 -5.60 -1.31
N ARG B 4 -10.09 -5.38 -1.65
CA ARG B 4 -9.65 -4.06 -2.11
C ARG B 4 -10.30 -3.61 -3.43
N SER B 5 -10.42 -4.51 -4.42
CA SER B 5 -11.02 -4.16 -5.71
C SER B 5 -12.55 -4.05 -5.65
N GLU B 6 -13.17 -4.55 -4.59
CA GLU B 6 -14.62 -4.46 -4.44
C GLU B 6 -15.09 -3.14 -3.85
N GLY B 7 -14.42 -2.69 -2.79
CA GLY B 7 -14.82 -1.50 -2.02
C GLY B 7 -15.80 -1.97 -0.96
N PHE B 8 -16.65 -1.05 -0.43
CA PHE B 8 -17.72 -1.32 0.56
C PHE B 8 -18.61 -0.11 0.98
N TYR B 9 -19.43 -0.34 2.04
CA TYR B 9 -20.44 0.45 2.78
C TYR B 9 -20.82 1.89 2.44
N THR B 10 -21.92 2.06 1.68
CA THR B 10 -22.63 3.30 1.31
C THR B 10 -22.01 4.57 1.92
#